data_7EYF
#
_entry.id   7EYF
#
_cell.length_a   1.00
_cell.length_b   1.00
_cell.length_c   1.00
_cell.angle_alpha   90.00
_cell.angle_beta   90.00
_cell.angle_gamma   90.00
#
_symmetry.space_group_name_H-M   'P 1'
#
_entity_poly.entity_id   1
_entity_poly.type   'polypeptide(L)'
_entity_poly.pdbx_seq_one_letter_code
;PLLYSTDDAICSKANELLQRSRQVQNKTEKERMLRESLKEYQKISNQVDLSNVCAQYRQVRFYEGVVELSLTAAEKKDPQ
GLGLHFYKHGEPEEDIVGLQAFQERLNSYKCITDTLQELVNQSKAAPQSPSVPKKPGPPVLSSDPNMLSNEEAGHHFEQM
LKLSQRSKDELFSIALYNWLIQVDLADKLLQVASPFLEPHLVRMAKVDQNRVRYMDLLWRYYEKNRSFSNAARVLSRLAD
MHSTEISLQQRLEYIARAILSAKSSTAISSIAADGEFLHELEEKMEVARIQLQIQETLQRQYSHHSSVQDAVSQLDSELM
DITKLYGEFADPFKLAECKLAIIHCAGYSDPILVQTLWQDIIEKELSDSVTLSSSDRMHALSLKIVLLGKIYAGTPRFFP
LDFIVQFLEQQVCTLNWDVGFVIQTMNEIGVPLPRLLEVYDQLFKSRDPFWNRMKKPLHLLDCIHVLLIRYVENPSQVLN
CERRRFTNLCLDAVCGYLVELQSMSSSVAVQAITGNFKSLQAKLERLH
;
_entity_poly.pdbx_strand_id   A
#
# COMPACT_ATOMS: atom_id res chain seq x y z
N PRO A 1 46.81 -29.45 32.33
CA PRO A 1 46.39 -30.09 33.59
C PRO A 1 45.54 -31.34 33.37
N LEU A 2 45.82 -32.10 32.31
CA LEU A 2 45.16 -33.33 31.87
C LEU A 2 43.94 -33.02 30.99
N LEU A 3 43.67 -31.74 30.73
CA LEU A 3 42.53 -31.34 29.91
C LEU A 3 42.55 -32.03 28.57
N TYR A 4 41.44 -32.70 28.24
CA TYR A 4 41.33 -33.42 26.98
C TYR A 4 39.88 -33.45 26.55
N SER A 5 39.60 -32.91 25.37
CA SER A 5 38.26 -32.87 24.84
C SER A 5 38.15 -33.93 23.77
N THR A 6 37.35 -34.96 24.04
CA THR A 6 37.15 -36.02 23.07
C THR A 6 36.59 -35.46 21.78
N ASP A 7 35.39 -34.89 21.85
CA ASP A 7 34.77 -34.34 20.67
C ASP A 7 34.97 -32.84 20.70
N ASP A 8 35.37 -32.30 19.58
CA ASP A 8 35.63 -30.88 19.45
C ASP A 8 34.69 -30.26 18.43
N ALA A 9 34.00 -29.21 18.83
CA ALA A 9 33.07 -28.59 17.91
C ALA A 9 33.76 -27.71 16.87
N ILE A 10 34.88 -27.07 17.19
CA ILE A 10 35.50 -26.22 16.17
C ILE A 10 36.98 -26.52 15.89
N CYS A 11 37.71 -27.05 16.87
CA CYS A 11 39.15 -27.25 16.67
C CYS A 11 39.42 -28.17 15.48
N SER A 12 38.61 -29.23 15.35
CA SER A 12 38.78 -30.18 14.26
C SER A 12 38.66 -29.48 12.93
N LYS A 13 37.59 -28.70 12.76
CA LYS A 13 37.39 -27.96 11.52
C LYS A 13 38.54 -26.98 11.25
N ALA A 14 38.99 -26.27 12.29
CA ALA A 14 40.14 -25.37 12.15
C ALA A 14 41.33 -26.12 11.55
N ASN A 15 41.71 -27.24 12.20
CA ASN A 15 42.85 -28.03 11.74
C ASN A 15 42.62 -28.51 10.31
N GLU A 16 41.42 -29.01 10.04
CA GLU A 16 41.11 -29.54 8.72
C GLU A 16 41.20 -28.46 7.65
N LEU A 17 40.87 -27.21 7.99
CA LEU A 17 41.00 -26.13 7.01
C LEU A 17 42.46 -25.78 6.81
N LEU A 18 43.25 -25.87 7.87
CA LEU A 18 44.68 -25.68 7.71
C LEU A 18 45.22 -26.72 6.74
N GLN A 19 44.78 -27.97 6.89
CA GLN A 19 45.20 -28.99 5.95
C GLN A 19 44.60 -28.74 4.57
N ARG A 20 43.40 -28.19 4.49
CA ARG A 20 42.79 -27.95 3.19
C ARG A 20 43.62 -26.95 2.41
N SER A 21 44.11 -25.92 3.10
CA SER A 21 45.03 -24.98 2.46
C SER A 21 46.33 -25.69 2.09
N ARG A 22 46.94 -26.37 3.07
CA ARG A 22 48.25 -26.96 2.83
C ARG A 22 48.21 -28.34 2.16
N GLN A 23 47.30 -29.24 2.57
CA GLN A 23 47.25 -30.55 1.91
C GLN A 23 46.16 -30.77 0.86
N VAL A 24 44.89 -30.47 1.14
CA VAL A 24 43.78 -30.93 0.28
C VAL A 24 42.93 -29.75 -0.19
N GLN A 25 42.93 -29.48 -1.49
CA GLN A 25 42.05 -28.46 -2.05
C GLN A 25 40.64 -28.99 -2.26
N ASN A 26 39.66 -28.23 -1.76
CA ASN A 26 38.28 -28.69 -1.76
C ASN A 26 37.78 -29.09 -3.14
N LYS A 27 38.05 -28.29 -4.16
CA LYS A 27 37.48 -28.61 -5.45
C LYS A 27 38.24 -29.68 -6.21
N THR A 28 39.57 -29.66 -6.18
CA THR A 28 40.34 -30.52 -7.06
C THR A 28 40.92 -31.76 -6.39
N GLU A 29 40.94 -31.81 -5.05
CA GLU A 29 41.51 -32.97 -4.37
C GLU A 29 40.55 -33.51 -3.32
N LYS A 30 40.29 -34.80 -3.42
CA LYS A 30 39.60 -35.58 -2.38
C LYS A 30 38.27 -34.94 -1.96
N GLU A 31 37.46 -34.53 -2.93
CA GLU A 31 36.16 -33.93 -2.57
C GLU A 31 35.26 -34.90 -1.83
N ARG A 32 35.18 -36.16 -2.29
CA ARG A 32 34.30 -37.13 -1.64
C ARG A 32 34.90 -37.57 -0.31
N MET A 33 36.22 -37.74 -0.27
CA MET A 33 36.90 -38.05 0.98
C MET A 33 36.75 -36.91 1.97
N LEU A 34 36.74 -35.67 1.49
CA LEU A 34 36.53 -34.51 2.35
C LEU A 34 35.12 -34.47 2.91
N ARG A 35 34.10 -34.73 2.10
CA ARG A 35 32.76 -34.89 2.66
C ARG A 35 32.72 -35.99 3.72
N GLU A 36 33.31 -37.15 3.42
CA GLU A 36 33.19 -38.27 4.35
C GLU A 36 33.94 -37.96 5.65
N SER A 37 35.10 -37.30 5.53
CA SER A 37 35.82 -36.90 6.72
C SER A 37 35.00 -35.86 7.48
N LEU A 38 34.32 -34.99 6.73
CA LEU A 38 33.49 -33.94 7.31
C LEU A 38 32.40 -34.53 8.18
N LYS A 39 31.83 -35.65 7.74
CA LYS A 39 30.78 -36.24 8.56
C LYS A 39 31.34 -37.13 9.67
N GLU A 40 32.28 -38.02 9.34
CA GLU A 40 32.68 -39.01 10.35
C GLU A 40 33.91 -38.63 11.17
N TYR A 41 34.94 -38.01 10.58
CA TYR A 41 36.06 -37.54 11.36
C TYR A 41 35.86 -36.13 11.91
N GLN A 42 35.02 -35.32 11.24
CA GLN A 42 34.60 -34.01 11.71
C GLN A 42 33.13 -33.97 12.13
N LYS A 43 32.57 -35.11 12.52
CA LYS A 43 31.24 -35.13 13.10
C LYS A 43 31.19 -34.34 14.40
N ILE A 44 32.25 -34.42 15.22
CA ILE A 44 32.32 -33.65 16.46
C ILE A 44 32.27 -32.16 16.18
N SER A 45 32.78 -31.75 15.02
CA SER A 45 32.76 -30.34 14.62
C SER A 45 31.35 -29.81 14.49
N ASN A 46 30.41 -30.68 14.11
CA ASN A 46 29.02 -30.37 13.79
C ASN A 46 28.58 -28.92 13.97
N GLN A 47 28.43 -28.47 15.21
CA GLN A 47 28.09 -27.09 15.50
C GLN A 47 29.38 -26.28 15.63
N VAL A 48 29.56 -25.29 14.76
CA VAL A 48 30.77 -24.47 14.73
C VAL A 48 30.47 -23.07 15.23
N ASP A 49 31.26 -22.61 16.19
CA ASP A 49 31.15 -21.26 16.75
C ASP A 49 31.72 -20.28 15.74
N LEU A 50 30.94 -19.28 15.38
CA LEU A 50 31.42 -18.27 14.45
C LEU A 50 32.68 -17.67 15.05
N SER A 51 33.83 -18.01 14.47
CA SER A 51 35.12 -17.65 15.03
C SER A 51 36.18 -17.73 13.94
N ASN A 52 37.42 -17.45 14.33
CA ASN A 52 38.59 -17.58 13.48
C ASN A 52 38.50 -18.82 12.58
N VAL A 53 38.08 -19.93 13.19
CA VAL A 53 37.83 -21.16 12.44
C VAL A 53 36.85 -20.93 11.28
N CYS A 54 35.79 -20.15 11.53
CA CYS A 54 34.86 -19.88 10.44
C CYS A 54 35.45 -18.91 9.44
N ALA A 55 36.34 -18.04 9.91
CA ALA A 55 36.99 -17.08 9.02
C ALA A 55 37.87 -17.80 8.02
N GLN A 56 38.67 -18.77 8.48
CA GLN A 56 39.43 -19.61 7.55
C GLN A 56 38.53 -20.55 6.76
N TYR A 57 37.32 -20.83 7.22
CA TYR A 57 36.42 -21.60 6.36
C TYR A 57 35.90 -20.75 5.21
N ARG A 58 35.82 -19.44 5.41
CA ARG A 58 35.29 -18.58 4.35
C ARG A 58 36.18 -18.57 3.12
N GLN A 59 37.50 -18.58 3.32
CA GLN A 59 38.39 -18.45 2.17
C GLN A 59 38.23 -19.60 1.19
N VAL A 60 38.04 -20.83 1.69
CA VAL A 60 37.69 -21.92 0.80
C VAL A 60 36.21 -21.79 0.43
N ARG A 61 35.86 -22.28 -0.76
CA ARG A 61 34.51 -22.14 -1.31
C ARG A 61 33.57 -23.28 -0.95
N PHE A 62 34.03 -24.29 -0.21
CA PHE A 62 33.17 -25.43 0.13
C PHE A 62 31.95 -24.98 0.95
N TYR A 63 30.78 -25.54 0.60
CA TYR A 63 29.53 -25.20 1.29
C TYR A 63 28.72 -26.43 1.71
N GLU A 64 29.02 -27.61 1.18
CA GLU A 64 28.37 -28.83 1.65
C GLU A 64 28.61 -29.01 3.14
N GLY A 65 29.77 -28.54 3.61
CA GLY A 65 30.00 -28.49 5.04
C GLY A 65 29.01 -27.58 5.74
N VAL A 66 28.75 -26.41 5.16
CA VAL A 66 27.84 -25.46 5.80
C VAL A 66 26.47 -26.11 5.96
N VAL A 67 25.95 -26.68 4.87
CA VAL A 67 24.59 -27.18 4.91
C VAL A 67 24.48 -28.41 5.82
N GLU A 68 25.39 -29.39 5.67
CA GLU A 68 25.24 -30.60 6.47
C GLU A 68 25.57 -30.37 7.95
N LEU A 69 26.61 -29.59 8.26
CA LEU A 69 26.88 -29.26 9.65
C LEU A 69 25.74 -28.46 10.27
N SER A 70 25.11 -27.56 9.50
CA SER A 70 23.93 -26.87 10.02
C SER A 70 22.79 -27.85 10.28
N LEU A 71 22.65 -28.86 9.42
CA LEU A 71 21.69 -29.92 9.70
C LEU A 71 21.96 -30.54 11.07
N THR A 72 23.21 -30.94 11.30
CA THR A 72 23.55 -31.55 12.58
C THR A 72 23.41 -30.54 13.71
N ALA A 73 23.54 -29.26 13.41
CA ALA A 73 23.34 -28.20 14.39
C ALA A 73 21.87 -28.13 14.80
N ALA A 74 20.98 -27.93 13.83
CA ALA A 74 19.55 -28.04 14.09
C ALA A 74 19.20 -29.35 14.76
N GLU A 75 20.02 -30.39 14.58
CA GLU A 75 19.88 -31.60 15.38
C GLU A 75 20.26 -31.33 16.84
N LYS A 76 21.42 -30.70 17.06
CA LYS A 76 21.84 -30.29 18.40
C LYS A 76 21.22 -28.99 18.91
N LYS A 77 20.31 -28.36 18.17
CA LYS A 77 19.54 -27.22 18.66
C LYS A 77 18.08 -27.60 18.90
N ASP A 78 17.43 -28.13 17.88
CA ASP A 78 16.06 -28.58 18.01
C ASP A 78 16.16 -30.09 18.12
N PRO A 79 16.07 -30.66 19.33
CA PRO A 79 16.19 -32.12 19.43
C PRO A 79 15.02 -32.85 18.80
N GLN A 80 13.80 -32.40 19.03
CA GLN A 80 12.65 -33.08 18.48
C GLN A 80 11.64 -32.01 18.04
N GLY A 81 11.92 -31.38 16.90
CA GLY A 81 11.01 -30.38 16.37
C GLY A 81 10.94 -29.06 17.10
N LEU A 82 11.96 -28.67 17.86
CA LEU A 82 11.89 -27.40 18.57
C LEU A 82 11.74 -26.25 17.59
N GLY A 83 12.46 -26.30 16.48
CA GLY A 83 12.41 -25.23 15.50
C GLY A 83 11.06 -25.03 14.82
N LEU A 84 10.36 -26.13 14.48
CA LEU A 84 9.12 -26.02 13.71
C LEU A 84 8.10 -25.06 14.34
N HIS A 85 7.84 -25.17 15.64
CA HIS A 85 6.87 -24.26 16.23
C HIS A 85 7.48 -22.99 16.73
N PHE A 86 8.81 -22.88 16.65
CA PHE A 86 9.48 -21.68 17.11
C PHE A 86 8.88 -20.45 16.44
N TYR A 87 8.96 -20.37 15.11
CA TYR A 87 8.24 -19.32 14.41
C TYR A 87 6.77 -19.65 14.41
N LYS A 88 6.46 -20.92 14.23
CA LYS A 88 5.09 -21.32 14.03
C LYS A 88 4.23 -20.89 15.20
N HIS A 89 4.74 -21.02 16.41
CA HIS A 89 3.93 -20.53 17.53
C HIS A 89 3.72 -19.01 17.46
N GLY A 90 4.78 -18.23 17.24
CA GLY A 90 4.57 -16.79 17.08
C GLY A 90 4.60 -15.74 18.20
N GLU A 91 5.70 -14.97 18.29
CA GLU A 91 5.97 -13.87 19.24
C GLU A 91 5.74 -14.08 20.74
N PRO A 92 6.10 -15.20 21.34
CA PRO A 92 5.88 -15.37 22.79
C PRO A 92 7.04 -14.87 23.64
N GLU A 93 8.10 -14.36 23.00
CA GLU A 93 9.34 -13.99 23.67
C GLU A 93 9.21 -13.00 24.81
N GLU A 94 8.12 -12.24 24.90
CA GLU A 94 8.01 -11.15 25.88
C GLU A 94 8.30 -11.57 27.32
N ASP A 95 9.54 -11.97 27.59
CA ASP A 95 9.99 -12.46 28.90
C ASP A 95 11.47 -12.82 28.75
N ILE A 96 12.11 -13.10 29.90
CA ILE A 96 13.52 -13.48 29.89
C ILE A 96 13.68 -14.85 29.24
N VAL A 97 12.59 -15.59 29.16
CA VAL A 97 12.63 -16.95 28.66
C VAL A 97 12.46 -16.99 27.15
N GLY A 98 11.65 -16.09 26.59
CA GLY A 98 11.48 -16.09 25.14
C GLY A 98 12.75 -15.77 24.38
N LEU A 99 13.40 -14.67 24.69
CA LEU A 99 14.66 -14.47 23.99
C LEU A 99 15.71 -15.32 24.70
N GLN A 100 15.73 -16.61 24.38
CA GLN A 100 16.77 -17.49 24.91
C GLN A 100 17.60 -18.18 23.83
N ALA A 101 16.98 -18.93 22.93
CA ALA A 101 17.73 -19.72 21.96
C ALA A 101 17.91 -18.98 20.66
N PHE A 102 17.48 -17.73 20.65
CA PHE A 102 17.65 -16.87 19.50
C PHE A 102 19.17 -16.79 19.29
N GLN A 103 19.92 -16.85 20.38
CA GLN A 103 21.35 -16.80 20.31
C GLN A 103 21.86 -17.94 19.42
N GLU A 104 22.78 -17.51 18.59
CA GLU A 104 23.51 -18.23 17.56
C GLU A 104 22.59 -18.46 16.37
N ARG A 105 21.32 -18.09 16.46
CA ARG A 105 20.51 -18.12 15.25
C ARG A 105 20.55 -16.76 14.60
N LEU A 106 20.43 -15.72 15.42
CA LEU A 106 20.68 -14.36 14.95
C LEU A 106 22.14 -14.20 14.57
N ASN A 107 23.05 -14.86 15.31
CA ASN A 107 24.46 -14.83 14.93
C ASN A 107 24.69 -15.50 13.59
N SER A 108 24.09 -16.67 13.36
CA SER A 108 24.23 -17.29 12.05
C SER A 108 23.66 -16.39 10.96
N TYR A 109 22.64 -15.59 11.31
CA TYR A 109 22.05 -14.66 10.36
C TYR A 109 23.01 -13.50 10.03
N LYS A 110 23.50 -12.80 11.05
CA LYS A 110 24.38 -11.67 10.80
C LYS A 110 25.65 -12.14 10.13
N CYS A 111 26.15 -13.29 10.59
CA CYS A 111 27.35 -13.92 10.07
C CYS A 111 27.18 -14.29 8.60
N ILE A 112 25.98 -14.75 8.24
CA ILE A 112 25.70 -15.12 6.86
C ILE A 112 25.85 -13.91 5.95
N THR A 113 25.37 -12.75 6.41
CA THR A 113 25.50 -11.51 5.65
C THR A 113 26.98 -11.16 5.53
N ASP A 114 27.73 -11.35 6.62
CA ASP A 114 29.16 -11.08 6.63
C ASP A 114 29.84 -12.00 5.62
N THR A 115 29.41 -13.26 5.60
CA THR A 115 29.96 -14.22 4.65
C THR A 115 29.51 -13.85 3.25
N LEU A 116 28.24 -13.46 3.07
CA LEU A 116 27.83 -13.08 1.73
C LEU A 116 28.74 -11.98 1.22
N GLN A 117 28.97 -10.96 2.04
CA GLN A 117 29.78 -9.83 1.59
C GLN A 117 31.22 -10.22 1.30
N GLU A 118 31.87 -10.92 2.23
CA GLU A 118 33.26 -11.29 2.04
C GLU A 118 33.45 -12.32 0.93
N LEU A 119 32.59 -13.34 0.90
CA LEU A 119 32.70 -14.34 -0.14
C LEU A 119 32.43 -13.77 -1.51
N VAL A 120 31.39 -12.94 -1.66
CA VAL A 120 31.10 -12.37 -2.97
C VAL A 120 32.24 -11.47 -3.39
N ASN A 121 32.81 -10.72 -2.45
CA ASN A 121 33.79 -9.75 -2.86
C ASN A 121 35.05 -10.43 -3.38
N GLN A 122 35.98 -9.61 -3.79
CA GLN A 122 37.26 -9.99 -4.32
C GLN A 122 38.40 -9.70 -3.36
N SER A 123 39.58 -10.14 -3.76
CA SER A 123 40.77 -10.00 -2.93
C SER A 123 41.31 -8.58 -2.99
N LYS A 124 42.49 -8.37 -2.43
CA LYS A 124 43.06 -7.04 -2.46
C LYS A 124 43.31 -6.61 -3.87
N ALA A 125 43.92 -7.52 -4.62
CA ALA A 125 44.30 -7.24 -5.98
C ALA A 125 43.09 -7.04 -6.85
N ALA A 126 42.09 -7.87 -6.68
CA ALA A 126 40.96 -7.75 -7.60
C ALA A 126 40.31 -6.40 -7.45
N PRO A 127 39.97 -5.89 -6.28
CA PRO A 127 39.54 -4.51 -6.31
C PRO A 127 40.71 -3.62 -6.57
N GLN A 128 41.84 -3.86 -5.90
CA GLN A 128 43.02 -3.08 -6.21
C GLN A 128 44.20 -4.00 -6.38
N SER A 129 44.74 -4.03 -7.57
CA SER A 129 45.91 -4.83 -7.88
C SER A 129 46.93 -4.82 -6.73
N PRO A 130 47.51 -3.68 -6.36
CA PRO A 130 48.48 -3.72 -5.26
C PRO A 130 47.78 -4.08 -3.96
N SER A 131 48.50 -4.82 -3.11
CA SER A 131 47.97 -5.27 -1.84
C SER A 131 48.69 -4.66 -0.63
N VAL A 132 47.92 -3.98 0.24
CA VAL A 132 48.29 -3.38 1.52
C VAL A 132 47.82 -4.40 2.58
N PRO A 133 47.64 -4.08 3.87
CA PRO A 133 47.12 -5.14 4.77
C PRO A 133 45.76 -5.63 4.30
N LYS A 134 45.60 -6.95 4.30
CA LYS A 134 44.43 -7.60 3.74
C LYS A 134 43.31 -7.83 4.73
N LYS A 135 42.13 -7.37 4.37
CA LYS A 135 40.96 -7.59 5.19
C LYS A 135 40.66 -9.09 5.24
N PRO A 136 40.40 -9.65 6.42
CA PRO A 136 40.07 -11.07 6.49
C PRO A 136 38.68 -11.29 5.92
N GLY A 137 38.52 -12.31 5.08
CA GLY A 137 37.21 -12.59 4.53
C GLY A 137 37.14 -12.70 3.03
N PRO A 138 37.72 -11.73 2.31
CA PRO A 138 37.68 -11.78 0.84
C PRO A 138 38.54 -12.89 0.27
N PRO A 139 38.05 -13.57 -0.76
CA PRO A 139 38.80 -14.66 -1.39
C PRO A 139 39.98 -14.15 -2.20
N VAL A 140 41.12 -14.83 -2.08
CA VAL A 140 42.29 -14.45 -2.87
C VAL A 140 42.08 -14.93 -4.30
N LEU A 141 42.63 -14.20 -5.26
CA LEU A 141 42.52 -14.57 -6.67
C LEU A 141 43.90 -14.66 -7.32
N SER A 142 44.65 -15.74 -7.07
CA SER A 142 45.93 -15.83 -7.73
C SER A 142 46.24 -17.27 -8.15
N SER A 143 47.06 -17.37 -9.20
CA SER A 143 47.54 -18.63 -9.76
C SER A 143 46.38 -19.57 -10.08
N ASP A 144 45.30 -18.97 -10.56
CA ASP A 144 44.08 -19.63 -10.99
C ASP A 144 44.35 -20.45 -12.25
N PRO A 145 43.59 -21.53 -12.49
CA PRO A 145 43.91 -22.41 -13.63
C PRO A 145 43.84 -21.68 -14.95
N ASN A 146 44.67 -22.12 -15.89
CA ASN A 146 44.69 -21.49 -17.22
C ASN A 146 43.33 -21.57 -17.84
N MET A 147 42.67 -22.68 -17.65
CA MET A 147 41.34 -22.76 -18.15
C MET A 147 40.48 -21.90 -17.29
N LEU A 148 39.37 -21.43 -17.85
CA LEU A 148 38.52 -20.52 -17.10
C LEU A 148 37.68 -21.34 -16.12
N SER A 149 38.42 -22.01 -15.25
CA SER A 149 37.86 -22.81 -14.15
C SER A 149 38.29 -22.14 -12.87
N ASN A 150 38.93 -21.02 -13.06
CA ASN A 150 39.36 -20.12 -12.03
C ASN A 150 38.18 -19.55 -11.28
N GLU A 151 37.10 -19.29 -12.02
CA GLU A 151 35.89 -18.72 -11.46
C GLU A 151 35.00 -19.82 -10.90
N GLU A 152 35.51 -20.44 -9.85
CA GLU A 152 34.75 -21.49 -9.18
C GLU A 152 33.48 -20.92 -8.56
N ALA A 153 33.55 -19.71 -8.01
CA ALA A 153 32.40 -19.09 -7.36
C ALA A 153 31.10 -19.20 -8.16
N GLY A 154 31.17 -19.16 -9.50
CA GLY A 154 29.95 -19.27 -10.29
C GLY A 154 29.21 -20.58 -10.10
N HIS A 155 29.95 -21.69 -10.08
CA HIS A 155 29.28 -22.97 -9.84
C HIS A 155 29.04 -23.11 -8.34
N HIS A 156 29.86 -22.43 -7.52
CA HIS A 156 29.59 -22.38 -6.09
C HIS A 156 28.20 -21.82 -5.86
N PHE A 157 27.87 -20.76 -6.60
CA PHE A 157 26.53 -20.20 -6.65
C PHE A 157 25.53 -21.26 -7.07
N GLU A 158 25.75 -21.84 -8.25
CA GLU A 158 24.86 -22.89 -8.75
C GLU A 158 24.62 -23.99 -7.72
N GLN A 159 25.68 -24.46 -7.08
CA GLN A 159 25.61 -25.49 -6.06
C GLN A 159 24.73 -25.06 -4.91
N MET A 160 25.09 -23.94 -4.26
CA MET A 160 24.34 -23.47 -3.11
C MET A 160 22.88 -23.27 -3.47
N LEU A 161 22.64 -22.83 -4.70
CA LEU A 161 21.26 -22.63 -5.14
C LEU A 161 20.53 -23.97 -5.21
N LYS A 162 21.15 -24.98 -5.83
CA LYS A 162 20.58 -26.32 -5.83
C LYS A 162 20.27 -26.78 -4.42
N LEU A 163 21.20 -26.55 -3.50
CA LEU A 163 20.96 -26.79 -2.09
C LEU A 163 19.68 -26.11 -1.63
N SER A 164 19.43 -24.89 -2.09
CA SER A 164 18.21 -24.20 -1.70
C SER A 164 17.01 -24.88 -2.35
N GLN A 165 17.09 -25.14 -3.64
CA GLN A 165 15.99 -25.75 -4.37
C GLN A 165 15.74 -27.16 -3.89
N ARG A 166 16.80 -27.91 -3.63
CA ARG A 166 16.67 -29.32 -3.25
C ARG A 166 17.12 -29.56 -1.81
N SER A 167 16.19 -30.04 -0.98
CA SER A 167 16.48 -30.45 0.38
C SER A 167 15.45 -31.47 0.84
N LYS A 168 15.86 -32.35 1.76
CA LYS A 168 14.89 -33.27 2.34
C LYS A 168 13.85 -32.51 3.13
N ASP A 169 14.29 -31.47 3.82
CA ASP A 169 13.44 -30.64 4.63
C ASP A 169 13.67 -29.17 4.34
N GLU A 170 13.02 -28.31 5.10
CA GLU A 170 13.15 -26.87 4.93
C GLU A 170 14.23 -26.22 5.79
N LEU A 171 15.03 -27.05 6.47
CA LEU A 171 15.93 -26.55 7.51
C LEU A 171 16.91 -25.51 6.97
N PHE A 172 17.59 -25.81 5.87
CA PHE A 172 18.50 -24.81 5.34
C PHE A 172 17.83 -23.89 4.37
N SER A 173 16.51 -23.87 4.35
CA SER A 173 15.83 -22.98 3.42
C SER A 173 15.23 -21.81 4.18
N ILE A 174 14.11 -22.05 4.85
CA ILE A 174 13.43 -21.03 5.64
C ILE A 174 14.22 -20.55 6.86
N ALA A 175 14.89 -21.49 7.53
CA ALA A 175 15.62 -21.18 8.77
C ALA A 175 16.84 -20.26 8.59
N LEU A 176 17.76 -20.57 7.68
CA LEU A 176 18.92 -19.69 7.54
C LEU A 176 18.77 -18.67 6.40
N TYR A 177 17.78 -17.80 6.50
CA TYR A 177 17.59 -16.79 5.46
C TYR A 177 17.16 -15.44 6.00
N ASN A 178 16.91 -15.37 7.31
CA ASN A 178 16.44 -14.16 7.99
C ASN A 178 17.28 -12.92 7.70
N TRP A 179 18.60 -13.01 7.86
CA TRP A 179 19.45 -11.85 7.64
C TRP A 179 20.26 -11.93 6.34
N LEU A 180 19.71 -12.62 5.35
CA LEU A 180 20.33 -12.79 4.04
C LEU A 180 19.37 -12.39 2.94
N ILE A 181 18.09 -12.72 3.06
CA ILE A 181 17.14 -12.34 2.03
C ILE A 181 16.64 -10.91 2.22
N GLN A 182 16.85 -10.32 3.38
CA GLN A 182 16.39 -8.96 3.66
C GLN A 182 17.58 -8.02 3.70
N VAL A 183 18.60 -8.36 2.91
CA VAL A 183 19.85 -7.65 2.72
C VAL A 183 20.05 -7.64 1.22
N ASP A 184 21.00 -6.83 0.76
CA ASP A 184 21.27 -6.67 -0.66
C ASP A 184 21.79 -7.91 -1.39
N LEU A 185 21.47 -7.98 -2.69
CA LEU A 185 21.87 -9.04 -3.61
C LEU A 185 21.44 -10.49 -3.31
N ALA A 186 20.22 -10.68 -2.80
CA ALA A 186 19.74 -12.03 -2.55
C ALA A 186 18.62 -12.35 -3.52
N ASP A 187 18.82 -13.36 -4.38
CA ASP A 187 17.83 -13.75 -5.37
C ASP A 187 17.27 -15.18 -5.23
N LYS A 188 17.60 -15.87 -4.15
CA LYS A 188 17.13 -17.24 -3.97
C LYS A 188 15.67 -17.31 -3.55
N LEU A 189 15.25 -16.49 -2.58
CA LEU A 189 13.88 -16.57 -2.11
C LEU A 189 12.88 -16.18 -3.21
N LEU A 190 13.20 -15.13 -3.97
CA LEU A 190 12.34 -14.74 -5.09
C LEU A 190 12.28 -15.81 -6.17
N GLN A 191 13.41 -16.42 -6.51
CA GLN A 191 13.34 -17.44 -7.55
C GLN A 191 12.54 -18.66 -7.06
N VAL A 192 12.77 -19.09 -5.81
CA VAL A 192 12.06 -20.26 -5.30
C VAL A 192 10.60 -19.89 -4.97
N ALA A 193 9.70 -20.88 -5.13
CA ALA A 193 8.28 -20.73 -4.82
C ALA A 193 7.83 -21.91 -3.97
N SER A 194 8.23 -21.92 -2.70
CA SER A 194 7.85 -23.03 -1.83
C SER A 194 6.38 -22.94 -1.43
N PRO A 195 5.73 -24.07 -1.15
CA PRO A 195 4.36 -24.02 -0.68
C PRO A 195 4.25 -23.43 0.71
N PHE A 196 5.37 -23.05 1.31
CA PHE A 196 5.38 -22.44 2.61
C PHE A 196 5.72 -20.97 2.54
N LEU A 197 6.04 -20.47 1.34
CA LEU A 197 6.25 -19.04 1.17
C LEU A 197 4.99 -18.29 1.56
N GLU A 198 3.87 -18.66 0.94
CA GLU A 198 2.59 -17.98 1.16
C GLU A 198 2.18 -17.96 2.63
N PRO A 199 2.26 -19.05 3.40
CA PRO A 199 1.83 -18.95 4.80
C PRO A 199 2.72 -18.03 5.62
N HIS A 200 4.04 -18.06 5.39
CA HIS A 200 4.90 -17.14 6.13
C HIS A 200 4.54 -15.70 5.75
N LEU A 201 4.23 -15.47 4.48
CA LEU A 201 3.84 -14.14 4.02
C LEU A 201 2.55 -13.66 4.68
N VAL A 202 1.55 -14.54 4.81
CA VAL A 202 0.33 -14.09 5.48
C VAL A 202 0.64 -13.79 6.93
N ARG A 203 1.48 -14.60 7.57
CA ARG A 203 1.82 -14.35 8.96
C ARG A 203 2.52 -13.00 9.12
N MET A 204 3.43 -12.66 8.21
CA MET A 204 4.10 -11.37 8.30
C MET A 204 3.10 -10.24 8.10
N ALA A 205 2.17 -10.42 7.18
CA ALA A 205 1.17 -9.40 6.89
C ALA A 205 0.28 -9.11 8.09
N LYS A 206 -0.08 -10.15 8.86
CA LYS A 206 -1.00 -9.97 9.99
C LYS A 206 -0.66 -8.78 10.89
N VAL A 207 0.62 -8.50 11.11
CA VAL A 207 0.98 -7.37 11.95
C VAL A 207 1.32 -6.19 11.04
N ASP A 208 0.65 -5.07 11.27
CA ASP A 208 0.88 -3.90 10.41
C ASP A 208 2.32 -3.43 10.52
N GLN A 209 2.82 -3.40 11.75
CA GLN A 209 4.18 -2.94 12.00
C GLN A 209 5.18 -3.80 11.27
N ASN A 210 4.99 -5.12 11.34
CA ASN A 210 5.84 -6.04 10.59
C ASN A 210 5.59 -5.91 9.09
N ARG A 211 4.33 -5.71 8.71
CA ARG A 211 3.94 -5.67 7.30
C ARG A 211 4.58 -4.51 6.53
N VAL A 212 4.69 -3.32 7.16
CA VAL A 212 5.15 -2.14 6.42
C VAL A 212 6.54 -2.37 5.84
N ARG A 213 7.44 -2.99 6.60
CA ARG A 213 8.79 -3.21 6.08
C ARG A 213 8.74 -4.03 4.80
N TYR A 214 7.85 -5.01 4.75
CA TYR A 214 7.69 -5.90 3.61
C TYR A 214 6.49 -5.52 2.75
N MET A 215 5.87 -4.34 2.96
CA MET A 215 4.58 -4.05 2.34
C MET A 215 4.61 -4.13 0.81
N ASP A 216 5.60 -3.52 0.17
CA ASP A 216 5.63 -3.62 -1.29
C ASP A 216 5.80 -5.06 -1.71
N LEU A 217 6.71 -5.77 -1.04
CA LEU A 217 6.85 -7.20 -1.31
C LEU A 217 5.60 -7.94 -0.87
N LEU A 218 4.98 -7.45 0.21
CA LEU A 218 3.86 -8.13 0.84
C LEU A 218 2.73 -8.35 -0.15
N TRP A 219 2.51 -7.41 -1.05
CA TRP A 219 1.39 -7.64 -1.93
C TRP A 219 1.80 -8.62 -3.02
N ARG A 220 2.94 -8.37 -3.66
CA ARG A 220 3.35 -9.25 -4.76
C ARG A 220 3.83 -10.62 -4.28
N TYR A 221 4.79 -10.65 -3.33
CA TYR A 221 5.40 -11.92 -3.02
C TYR A 221 4.38 -12.84 -2.36
N TYR A 222 3.46 -12.24 -1.61
CA TYR A 222 2.42 -12.97 -0.90
C TYR A 222 1.63 -13.83 -1.86
N GLU A 223 1.43 -13.35 -3.09
CA GLU A 223 0.63 -14.09 -4.03
C GLU A 223 1.52 -14.61 -5.14
N LYS A 224 1.59 -15.93 -5.23
CA LYS A 224 2.34 -16.56 -6.29
C LYS A 224 1.68 -16.25 -7.62
N ASN A 225 0.36 -16.28 -7.61
CA ASN A 225 -0.41 -15.97 -8.79
C ASN A 225 -0.32 -14.50 -9.10
N ARG A 226 -0.50 -14.20 -10.37
CA ARG A 226 -0.50 -12.84 -10.85
C ARG A 226 -1.48 -12.03 -10.05
N SER A 227 -2.60 -12.65 -9.69
CA SER A 227 -3.69 -11.97 -9.01
C SER A 227 -4.15 -10.84 -9.90
N PHE A 228 -4.23 -11.16 -11.19
CA PHE A 228 -4.55 -10.29 -12.31
C PHE A 228 -5.50 -9.14 -11.99
N SER A 229 -6.69 -9.43 -11.46
CA SER A 229 -7.63 -8.37 -11.13
C SER A 229 -8.12 -8.52 -9.70
N ASN A 230 -7.17 -8.58 -8.77
CA ASN A 230 -7.56 -8.54 -7.37
C ASN A 230 -7.84 -7.09 -7.03
N ALA A 231 -8.88 -6.87 -6.23
CA ALA A 231 -9.28 -5.50 -5.91
C ALA A 231 -9.14 -5.26 -4.41
N ALA A 232 -9.90 -5.96 -3.59
CA ALA A 232 -9.87 -5.79 -2.14
C ALA A 232 -9.29 -7.01 -1.47
N ARG A 233 -8.59 -7.85 -2.23
CA ARG A 233 -8.05 -9.09 -1.69
C ARG A 233 -6.84 -8.79 -0.82
N VAL A 234 -6.11 -7.75 -1.15
CA VAL A 234 -5.05 -7.31 -0.26
C VAL A 234 -5.59 -6.16 0.59
N LEU A 235 -6.72 -5.55 0.19
CA LEU A 235 -7.24 -4.42 0.93
C LEU A 235 -7.72 -4.82 2.31
N SER A 236 -8.33 -6.01 2.43
CA SER A 236 -8.71 -6.47 3.75
C SER A 236 -7.47 -6.62 4.62
N ARG A 237 -6.39 -7.15 4.03
CA ARG A 237 -5.14 -7.23 4.76
C ARG A 237 -4.56 -5.83 5.03
N LEU A 238 -4.77 -4.89 4.11
CA LEU A 238 -4.18 -3.56 4.27
C LEU A 238 -4.58 -2.94 5.61
N ALA A 239 -3.61 -2.30 6.26
CA ALA A 239 -3.84 -1.82 7.60
C ALA A 239 -4.57 -0.48 7.62
N ASP A 240 -5.13 -0.18 8.79
CA ASP A 240 -5.81 1.05 9.16
C ASP A 240 -7.10 1.25 8.38
N MET A 241 -7.46 0.34 7.45
CA MET A 241 -8.67 0.49 6.65
C MET A 241 -8.75 1.90 6.05
N HIS A 242 -7.58 2.42 5.67
CA HIS A 242 -7.40 3.79 5.16
C HIS A 242 -7.85 3.94 3.71
N SER A 243 -9.17 4.07 3.54
CA SER A 243 -9.76 4.29 2.23
C SER A 243 -10.02 5.77 1.90
N THR A 244 -10.60 6.53 2.83
CA THR A 244 -10.93 7.93 2.60
C THR A 244 -10.18 8.93 3.47
N GLU A 245 -9.21 8.52 4.27
CA GLU A 245 -8.57 9.49 5.16
C GLU A 245 -7.49 10.35 4.49
N ILE A 246 -6.35 9.77 4.13
CA ILE A 246 -5.26 10.61 3.63
C ILE A 246 -5.50 11.41 2.35
N SER A 247 -6.04 10.77 1.32
CA SER A 247 -6.36 11.40 0.03
C SER A 247 -5.19 12.07 -0.72
N LEU A 248 -3.97 11.61 -0.51
CA LEU A 248 -2.79 12.14 -1.18
C LEU A 248 -2.19 10.98 -1.95
N GLN A 249 -2.84 9.84 -1.76
CA GLN A 249 -2.48 8.56 -2.35
C GLN A 249 -3.70 7.70 -2.61
N GLN A 250 -4.75 7.91 -1.82
CA GLN A 250 -5.97 7.14 -2.00
C GLN A 250 -6.57 7.42 -3.38
N ARG A 251 -6.61 8.69 -3.80
CA ARG A 251 -7.06 8.96 -5.18
C ARG A 251 -6.09 8.41 -6.21
N LEU A 252 -4.78 8.43 -5.93
CA LEU A 252 -3.84 7.83 -6.87
C LEU A 252 -4.22 6.38 -7.13
N GLU A 253 -4.49 5.64 -6.06
CA GLU A 253 -4.95 4.27 -6.21
C GLU A 253 -6.31 4.22 -6.90
N TYR A 254 -7.21 5.15 -6.54
CA TYR A 254 -8.54 5.14 -7.14
C TYR A 254 -8.48 5.30 -8.65
N ILE A 255 -7.69 6.25 -9.14
CA ILE A 255 -7.61 6.43 -10.59
C ILE A 255 -6.86 5.27 -11.23
N ALA A 256 -5.75 4.85 -10.65
CA ALA A 256 -4.96 3.77 -11.23
C ALA A 256 -5.65 2.42 -11.13
N ARG A 257 -6.79 2.35 -10.43
CA ARG A 257 -7.62 1.16 -10.44
C ARG A 257 -8.96 1.37 -11.13
N ALA A 258 -9.43 2.61 -11.28
CA ALA A 258 -10.73 2.91 -11.86
C ALA A 258 -10.66 3.15 -13.36
N ILE A 259 -9.46 3.30 -13.91
CA ILE A 259 -9.36 3.48 -15.37
C ILE A 259 -9.30 2.04 -15.87
N LEU A 260 -9.51 1.10 -14.95
CA LEU A 260 -9.72 -0.32 -15.21
C LEU A 260 -10.89 -0.93 -14.45
N SER A 261 -11.55 -0.18 -13.55
CA SER A 261 -12.73 -0.69 -12.84
C SER A 261 -13.72 -1.30 -13.80
N ALA A 262 -14.14 -2.53 -13.49
CA ALA A 262 -15.06 -3.30 -14.32
C ALA A 262 -16.29 -3.80 -13.58
N LYS A 263 -17.30 -2.93 -13.49
CA LYS A 263 -18.51 -3.20 -12.75
C LYS A 263 -19.48 -3.91 -13.68
N SER A 264 -20.03 -5.05 -13.23
CA SER A 264 -20.97 -5.90 -13.97
C SER A 264 -20.16 -6.76 -14.93
N SER A 265 -18.83 -6.65 -14.90
CA SER A 265 -17.93 -7.41 -15.73
C SER A 265 -17.81 -8.86 -15.33
N THR A 266 -18.10 -9.20 -14.09
CA THR A 266 -17.97 -10.58 -13.60
C THR A 266 -16.51 -11.01 -13.60
N ALA A 267 -15.61 -10.07 -13.28
CA ALA A 267 -14.20 -10.41 -13.18
C ALA A 267 -13.90 -11.32 -11.99
N ILE A 268 -14.51 -11.06 -10.83
CA ILE A 268 -14.28 -11.81 -9.60
C ILE A 268 -15.57 -12.51 -9.15
N SER A 269 -15.42 -13.73 -8.65
CA SER A 269 -16.55 -14.59 -8.26
C SER A 269 -17.45 -14.08 -7.14
N SER A 270 -16.88 -13.51 -6.09
CA SER A 270 -17.73 -13.04 -5.00
C SER A 270 -18.13 -11.58 -5.15
N ILE A 271 -19.34 -11.35 -5.63
CA ILE A 271 -19.87 -10.01 -5.80
C ILE A 271 -20.04 -9.37 -4.42
N ALA A 272 -20.54 -10.17 -3.48
CA ALA A 272 -20.77 -9.73 -2.11
C ALA A 272 -19.48 -9.33 -1.41
N ALA A 273 -18.42 -10.10 -1.63
CA ALA A 273 -17.15 -9.80 -0.98
C ALA A 273 -16.30 -8.85 -1.80
N ASP A 274 -16.31 -8.99 -3.10
CA ASP A 274 -15.49 -8.10 -3.87
C ASP A 274 -16.35 -7.06 -4.55
N GLY A 275 -17.36 -7.50 -5.28
CA GLY A 275 -18.18 -6.52 -5.95
C GLY A 275 -18.87 -5.61 -4.96
N GLU A 276 -19.44 -6.18 -3.91
CA GLU A 276 -20.09 -5.32 -2.93
C GLU A 276 -19.07 -4.44 -2.22
N PHE A 277 -17.91 -5.00 -1.90
CA PHE A 277 -16.92 -4.22 -1.17
C PHE A 277 -16.39 -3.08 -2.04
N LEU A 278 -15.91 -3.40 -3.23
CA LEU A 278 -15.50 -2.37 -4.17
C LEU A 278 -16.60 -1.37 -4.48
N HIS A 279 -17.88 -1.75 -4.37
CA HIS A 279 -18.95 -0.76 -4.53
C HIS A 279 -18.87 0.25 -3.39
N GLU A 280 -18.77 -0.26 -2.16
CA GLU A 280 -18.58 0.63 -1.01
C GLU A 280 -17.33 1.47 -1.22
N LEU A 281 -16.30 0.87 -1.83
CA LEU A 281 -15.07 1.59 -2.12
C LEU A 281 -15.31 2.72 -3.11
N GLU A 282 -16.17 2.51 -4.10
CA GLU A 282 -16.53 3.57 -5.04
C GLU A 282 -17.24 4.70 -4.33
N GLU A 283 -18.17 4.37 -3.43
CA GLU A 283 -18.81 5.41 -2.63
C GLU A 283 -17.76 6.17 -1.82
N LYS A 284 -16.85 5.42 -1.21
CA LYS A 284 -15.75 6.03 -0.45
C LYS A 284 -14.86 6.86 -1.36
N MET A 285 -14.72 6.47 -2.61
CA MET A 285 -13.94 7.25 -3.57
C MET A 285 -14.58 8.61 -3.79
N GLU A 286 -15.91 8.64 -3.97
CA GLU A 286 -16.58 9.94 -4.04
C GLU A 286 -16.32 10.73 -2.75
N VAL A 287 -16.39 10.03 -1.62
CA VAL A 287 -16.21 10.68 -0.32
C VAL A 287 -14.84 11.34 -0.28
N ALA A 288 -13.80 10.57 -0.64
CA ALA A 288 -12.43 11.05 -0.58
C ALA A 288 -12.20 12.20 -1.54
N ARG A 289 -12.74 12.11 -2.77
CA ARG A 289 -12.53 13.19 -3.72
C ARG A 289 -13.17 14.49 -3.22
N ILE A 290 -14.39 14.39 -2.70
CA ILE A 290 -15.09 15.59 -2.22
C ILE A 290 -14.38 16.16 -1.00
N GLN A 291 -14.03 15.30 -0.04
CA GLN A 291 -13.33 15.77 1.15
C GLN A 291 -11.99 16.36 0.77
N LEU A 292 -11.31 15.77 -0.22
CA LEU A 292 -10.05 16.30 -0.70
C LEU A 292 -10.25 17.67 -1.35
N GLN A 293 -11.35 17.87 -2.06
CA GLN A 293 -11.63 19.20 -2.57
C GLN A 293 -11.84 20.20 -1.42
N ILE A 294 -12.51 19.76 -0.36
CA ILE A 294 -12.60 20.59 0.85
C ILE A 294 -11.21 20.91 1.36
N GLN A 295 -10.35 19.89 1.42
CA GLN A 295 -9.01 20.07 1.95
C GLN A 295 -8.22 21.03 1.09
N GLU A 296 -8.30 20.87 -0.23
CA GLU A 296 -7.53 21.74 -1.12
C GLU A 296 -7.96 23.19 -0.94
N THR A 297 -9.28 23.43 -0.84
CA THR A 297 -9.72 24.81 -0.63
C THR A 297 -9.16 25.34 0.69
N LEU A 298 -9.43 24.61 1.77
CA LEU A 298 -9.05 25.11 3.09
C LEU A 298 -7.54 25.25 3.24
N GLN A 299 -6.77 24.34 2.61
CA GLN A 299 -5.30 24.39 2.67
C GLN A 299 -4.73 25.54 1.85
N ARG A 300 -5.32 25.86 0.70
CA ARG A 300 -4.76 26.96 -0.07
C ARG A 300 -5.50 28.25 0.19
N GLN A 301 -6.21 28.36 1.31
CA GLN A 301 -6.89 29.61 1.55
C GLN A 301 -5.89 30.70 1.90
N TYR A 302 -6.13 31.91 1.40
CA TYR A 302 -5.35 33.09 1.76
C TYR A 302 -5.98 33.72 2.99
N SER A 303 -7.30 33.75 3.00
CA SER A 303 -8.02 34.18 4.18
C SER A 303 -7.65 33.27 5.33
N HIS A 304 -7.44 31.99 5.03
CA HIS A 304 -7.01 31.03 6.04
C HIS A 304 -5.62 30.48 5.66
N HIS A 305 -4.58 31.16 6.16
CA HIS A 305 -3.18 30.95 5.77
C HIS A 305 -2.59 29.59 6.21
N SER A 306 -2.48 29.38 7.53
CA SER A 306 -1.68 28.35 8.20
C SER A 306 -2.45 27.08 8.55
N SER A 307 -3.68 27.22 9.02
CA SER A 307 -4.52 26.14 9.52
C SER A 307 -3.95 25.38 10.71
N VAL A 308 -3.20 26.05 11.57
CA VAL A 308 -2.67 25.32 12.71
C VAL A 308 -3.73 25.05 13.77
N GLN A 309 -4.46 26.10 14.21
CA GLN A 309 -5.46 26.01 15.29
C GLN A 309 -6.82 25.37 15.02
N ASP A 310 -7.22 25.02 13.81
CA ASP A 310 -8.58 24.47 13.63
C ASP A 310 -8.63 23.03 13.18
N ALA A 311 -7.68 22.62 12.36
CA ALA A 311 -7.77 21.35 11.66
C ALA A 311 -7.51 20.18 12.58
N VAL A 312 -6.73 20.39 13.64
CA VAL A 312 -6.34 19.26 14.47
C VAL A 312 -7.42 18.91 15.47
N SER A 313 -8.30 19.85 15.79
CA SER A 313 -9.40 19.52 16.68
C SER A 313 -10.34 18.55 15.99
N GLN A 314 -10.18 18.40 14.68
CA GLN A 314 -10.99 17.53 13.84
C GLN A 314 -10.25 16.27 13.42
N LEU A 315 -9.00 16.45 13.01
CA LEU A 315 -8.14 15.37 12.58
C LEU A 315 -7.72 14.43 13.71
N ASP A 316 -7.30 14.99 14.86
CA ASP A 316 -6.80 14.14 15.93
C ASP A 316 -7.88 13.24 16.47
N SER A 317 -9.11 13.75 16.54
CA SER A 317 -10.18 12.99 17.18
C SER A 317 -10.63 11.88 16.26
N GLU A 318 -10.91 12.23 14.99
CA GLU A 318 -11.32 11.26 13.98
C GLU A 318 -10.71 11.94 12.76
N LEU A 319 -9.95 11.23 11.95
CA LEU A 319 -9.33 11.86 10.80
C LEU A 319 -10.39 11.72 9.72
N MET A 320 -10.92 10.52 9.54
CA MET A 320 -12.06 10.32 8.67
C MET A 320 -12.73 9.02 9.11
N ASP A 321 -13.49 9.10 10.20
CA ASP A 321 -14.33 7.98 10.61
C ASP A 321 -15.49 7.80 9.66
N ILE A 322 -16.18 8.90 9.39
CA ILE A 322 -17.37 8.93 8.55
C ILE A 322 -17.33 10.23 7.76
N THR A 323 -17.91 10.20 6.56
CA THR A 323 -17.93 11.37 5.71
C THR A 323 -18.71 12.52 6.34
N LYS A 324 -19.96 12.28 6.74
CA LYS A 324 -20.79 13.35 7.27
C LYS A 324 -20.17 14.08 8.46
N LEU A 325 -19.12 13.54 9.09
CA LEU A 325 -18.52 14.21 10.23
C LEU A 325 -17.92 15.53 9.79
N TYR A 326 -17.19 15.50 8.70
CA TYR A 326 -16.56 16.66 8.12
C TYR A 326 -17.51 17.33 7.16
N GLY A 327 -18.36 16.54 6.52
CA GLY A 327 -19.34 17.10 5.61
C GLY A 327 -20.28 18.06 6.31
N GLU A 328 -20.74 17.70 7.50
CA GLU A 328 -21.66 18.54 8.24
C GLU A 328 -21.05 19.20 9.45
N PHE A 329 -20.09 18.57 10.12
CA PHE A 329 -19.53 19.16 11.33
C PHE A 329 -18.17 19.84 11.19
N ALA A 330 -17.12 19.04 10.99
CA ALA A 330 -15.72 19.48 10.92
C ALA A 330 -15.27 20.42 9.79
N ASP A 331 -15.92 21.56 9.58
CA ASP A 331 -15.50 22.54 8.57
C ASP A 331 -15.64 23.96 9.12
N PRO A 332 -14.69 24.42 9.94
CA PRO A 332 -14.80 25.78 10.48
C PRO A 332 -14.95 26.85 9.41
N PHE A 333 -14.33 26.69 8.25
CA PHE A 333 -14.50 27.60 7.11
C PHE A 333 -15.98 27.85 6.77
N LYS A 334 -16.90 27.19 7.48
CA LYS A 334 -18.36 27.23 7.32
C LYS A 334 -18.90 26.71 5.99
N LEU A 335 -18.27 25.72 5.36
CA LEU A 335 -18.83 25.23 4.10
C LEU A 335 -20.16 24.51 4.35
N ALA A 336 -21.21 24.90 3.62
CA ALA A 336 -22.52 24.22 3.71
C ALA A 336 -22.77 23.32 2.52
N GLU A 337 -22.05 23.59 1.43
CA GLU A 337 -22.18 22.80 0.23
C GLU A 337 -21.80 21.37 0.54
N CYS A 338 -20.78 21.21 1.37
CA CYS A 338 -20.36 19.89 1.81
C CYS A 338 -21.49 19.20 2.56
N LYS A 339 -22.26 19.96 3.35
CA LYS A 339 -23.32 19.33 4.14
C LYS A 339 -24.36 18.70 3.22
N LEU A 340 -24.87 19.47 2.25
CA LEU A 340 -25.83 18.81 1.34
C LEU A 340 -25.17 17.79 0.43
N ALA A 341 -23.92 18.01 0.02
CA ALA A 341 -23.23 17.03 -0.80
C ALA A 341 -23.16 15.69 -0.10
N ILE A 342 -22.85 15.69 1.20
CA ILE A 342 -22.88 14.44 1.96
C ILE A 342 -24.29 14.00 2.31
N ILE A 343 -25.30 14.87 2.13
CA ILE A 343 -26.68 14.40 2.31
C ILE A 343 -27.12 13.63 1.09
N HIS A 344 -26.50 13.91 -0.04
CA HIS A 344 -26.72 13.11 -1.23
C HIS A 344 -25.77 11.92 -1.23
N CYS A 345 -24.49 12.16 -0.95
CA CYS A 345 -23.52 11.10 -0.79
C CYS A 345 -23.91 10.13 0.33
N ALA A 346 -24.34 10.66 1.47
CA ALA A 346 -24.87 9.85 2.56
C ALA A 346 -26.34 10.22 2.69
N GLY A 347 -27.20 9.35 2.19
CA GLY A 347 -28.60 9.68 2.07
C GLY A 347 -29.31 10.05 3.35
N TYR A 348 -30.00 11.18 3.31
CA TYR A 348 -30.84 11.64 4.41
C TYR A 348 -32.08 12.21 3.74
N SER A 349 -33.24 11.99 4.34
CA SER A 349 -34.50 12.33 3.69
C SER A 349 -35.41 13.18 4.57
N ASP A 350 -35.08 14.45 4.69
CA ASP A 350 -35.98 15.42 5.30
C ASP A 350 -36.23 16.58 4.34
N PRO A 351 -37.48 16.79 3.92
CA PRO A 351 -37.75 17.90 3.00
C PRO A 351 -37.30 19.16 3.65
N ILE A 352 -37.50 19.24 4.95
CA ILE A 352 -37.06 20.42 5.66
C ILE A 352 -35.55 20.41 5.71
N LEU A 353 -34.94 19.25 5.96
CA LEU A 353 -33.48 19.17 5.98
C LEU A 353 -32.88 19.45 4.62
N VAL A 354 -33.38 18.78 3.61
CA VAL A 354 -32.81 18.97 2.29
C VAL A 354 -32.99 20.42 1.86
N GLN A 355 -34.20 20.95 2.05
CA GLN A 355 -34.53 22.34 1.74
C GLN A 355 -33.61 23.34 2.44
N THR A 356 -33.42 23.20 3.76
CA THR A 356 -32.54 24.12 4.48
C THR A 356 -31.11 24.03 3.97
N LEU A 357 -30.65 22.81 3.67
CA LEU A 357 -29.32 22.67 3.08
C LEU A 357 -29.24 23.42 1.76
N TRP A 358 -30.33 23.39 0.99
CA TRP A 358 -30.36 24.15 -0.26
C TRP A 358 -30.20 25.64 0.00
N GLN A 359 -30.95 26.17 0.96
CA GLN A 359 -30.81 27.59 1.27
C GLN A 359 -29.42 27.91 1.78
N ASP A 360 -28.91 27.09 2.69
CA ASP A 360 -27.56 27.29 3.19
C ASP A 360 -26.52 27.29 2.07
N ILE A 361 -26.63 26.37 1.13
CA ILE A 361 -25.74 26.34 -0.03
C ILE A 361 -25.87 27.59 -0.89
N ILE A 362 -27.09 27.99 -1.22
CA ILE A 362 -27.25 29.17 -2.07
C ILE A 362 -26.64 30.39 -1.39
N GLU A 363 -26.95 30.58 -0.10
CA GLU A 363 -26.40 31.72 0.64
C GLU A 363 -24.87 31.65 0.71
N LYS A 364 -24.33 30.44 0.86
CA LYS A 364 -22.88 30.27 0.88
C LYS A 364 -22.26 30.73 -0.44
N GLU A 365 -22.84 30.30 -1.56
CA GLU A 365 -22.23 30.65 -2.85
C GLU A 365 -22.36 32.14 -3.14
N LEU A 366 -23.52 32.73 -2.85
CA LEU A 366 -23.67 34.17 -3.11
C LEU A 366 -22.70 34.97 -2.26
N SER A 367 -22.53 34.56 -0.99
CA SER A 367 -21.63 35.26 -0.10
C SER A 367 -20.19 35.12 -0.58
N ASP A 368 -19.80 33.92 -1.02
CA ASP A 368 -18.44 33.76 -1.49
C ASP A 368 -18.25 34.57 -2.76
N SER A 369 -19.22 34.50 -3.65
CA SER A 369 -19.11 35.16 -4.93
C SER A 369 -18.97 36.66 -4.76
N VAL A 370 -19.74 37.27 -3.85
CA VAL A 370 -19.59 38.71 -3.70
C VAL A 370 -18.16 38.98 -3.28
N THR A 371 -17.66 38.15 -2.38
CA THR A 371 -16.29 38.30 -1.96
C THR A 371 -15.38 37.99 -3.13
N LEU A 372 -15.72 36.93 -3.87
CA LEU A 372 -14.92 36.50 -5.01
C LEU A 372 -15.75 35.67 -5.99
N SER A 373 -16.07 36.27 -7.14
CA SER A 373 -16.83 35.64 -8.23
C SER A 373 -16.14 35.93 -9.58
N SER A 374 -16.03 34.94 -10.44
CA SER A 374 -15.35 35.12 -11.72
C SER A 374 -15.98 36.17 -12.66
N SER A 375 -17.30 36.15 -12.81
CA SER A 375 -17.95 37.11 -13.68
C SER A 375 -19.25 37.65 -13.10
N ASP A 376 -20.26 36.79 -13.06
CA ASP A 376 -21.57 37.13 -12.54
C ASP A 376 -21.90 36.14 -11.43
N ARG A 377 -22.37 36.64 -10.30
CA ARG A 377 -22.69 35.74 -9.18
C ARG A 377 -23.40 34.51 -9.69
N MET A 378 -24.29 34.69 -10.65
CA MET A 378 -25.00 33.55 -11.19
C MET A 378 -24.04 32.64 -11.92
N HIS A 379 -23.05 33.21 -12.60
CA HIS A 379 -22.07 32.38 -13.28
C HIS A 379 -21.25 31.55 -12.30
N ALA A 380 -20.82 32.16 -11.20
CA ALA A 380 -20.09 31.39 -10.19
C ALA A 380 -20.99 30.32 -9.58
N LEU A 381 -22.25 30.66 -9.38
CA LEU A 381 -23.23 29.70 -8.88
C LEU A 381 -23.32 28.55 -9.85
N SER A 382 -23.33 28.86 -11.14
CA SER A 382 -23.40 27.84 -12.19
C SER A 382 -22.18 26.93 -12.12
N LEU A 383 -21.01 27.51 -11.85
CA LEU A 383 -19.78 26.72 -11.73
C LEU A 383 -19.93 25.70 -10.62
N LYS A 384 -20.27 26.20 -9.43
CA LYS A 384 -20.42 25.31 -8.27
C LYS A 384 -21.49 24.25 -8.48
N ILE A 385 -22.64 24.63 -9.06
CA ILE A 385 -23.74 23.69 -9.18
C ILE A 385 -23.43 22.61 -10.21
N VAL A 386 -22.81 22.95 -11.34
CA VAL A 386 -22.41 21.90 -12.26
C VAL A 386 -21.38 21.00 -11.63
N LEU A 387 -20.46 21.57 -10.83
CA LEU A 387 -19.50 20.75 -10.11
C LEU A 387 -20.20 19.74 -9.23
N LEU A 388 -21.22 20.20 -8.47
CA LEU A 388 -21.99 19.30 -7.61
C LEU A 388 -22.80 18.29 -8.39
N GLY A 389 -23.43 18.72 -9.50
CA GLY A 389 -24.25 17.84 -10.30
C GLY A 389 -23.50 16.88 -11.18
N LYS A 390 -22.19 17.04 -11.30
CA LYS A 390 -21.40 16.11 -12.10
C LYS A 390 -20.88 14.97 -11.24
N ILE A 391 -20.28 15.31 -10.10
CA ILE A 391 -19.78 14.32 -9.16
C ILE A 391 -20.92 13.44 -8.66
N TYR A 392 -22.09 14.01 -8.45
CA TYR A 392 -23.26 13.29 -7.97
C TYR A 392 -24.20 12.96 -9.12
N ALA A 393 -24.32 11.67 -9.44
CA ALA A 393 -25.32 11.25 -10.41
C ALA A 393 -26.68 11.51 -9.79
N GLY A 394 -27.57 12.14 -10.54
CA GLY A 394 -28.81 12.58 -9.96
C GLY A 394 -29.74 11.47 -9.50
N THR A 395 -30.18 11.60 -8.26
CA THR A 395 -31.21 10.65 -7.88
C THR A 395 -32.58 11.27 -8.08
N PRO A 396 -33.55 10.52 -8.61
CA PRO A 396 -34.85 11.14 -8.92
C PRO A 396 -35.57 11.66 -7.70
N ARG A 397 -35.50 10.96 -6.56
CA ARG A 397 -36.13 11.50 -5.37
C ARG A 397 -35.18 12.46 -4.64
N PHE A 398 -33.87 12.31 -4.82
CA PHE A 398 -32.89 13.15 -4.14
C PHE A 398 -32.61 14.48 -4.84
N PHE A 399 -33.24 14.75 -5.98
CA PHE A 399 -33.10 16.03 -6.68
C PHE A 399 -34.48 16.59 -6.97
N PRO A 400 -35.19 17.08 -5.95
CA PRO A 400 -36.50 17.70 -6.19
C PRO A 400 -36.36 19.13 -6.65
N LEU A 401 -37.09 19.47 -7.71
CA LEU A 401 -37.09 20.84 -8.20
C LEU A 401 -37.66 21.81 -7.16
N ASP A 402 -38.76 21.42 -6.50
CA ASP A 402 -39.40 22.31 -5.52
C ASP A 402 -38.39 22.93 -4.58
N PHE A 403 -37.33 22.20 -4.25
CA PHE A 403 -36.36 22.67 -3.27
C PHE A 403 -35.47 23.77 -3.86
N ILE A 404 -34.92 23.54 -5.05
CA ILE A 404 -34.01 24.51 -5.66
C ILE A 404 -34.77 25.73 -6.19
N VAL A 405 -35.96 25.54 -6.73
CA VAL A 405 -36.64 26.58 -7.51
C VAL A 405 -36.88 27.87 -6.74
N GLN A 406 -37.26 27.80 -5.46
CA GLN A 406 -37.53 29.05 -4.75
C GLN A 406 -36.27 29.90 -4.68
N PHE A 407 -35.14 29.26 -4.38
CA PHE A 407 -33.88 29.98 -4.35
C PHE A 407 -33.43 30.44 -5.72
N LEU A 408 -33.69 29.67 -6.79
CA LEU A 408 -33.35 30.19 -8.12
C LEU A 408 -34.16 31.46 -8.43
N GLU A 409 -35.43 31.46 -8.09
CA GLU A 409 -36.25 32.64 -8.30
C GLU A 409 -35.81 33.77 -7.38
N GLN A 410 -35.28 33.42 -6.21
CA GLN A 410 -34.70 34.41 -5.34
C GLN A 410 -33.49 35.05 -6.01
N GLN A 411 -32.66 34.24 -6.68
CA GLN A 411 -31.48 34.78 -7.36
C GLN A 411 -31.88 35.66 -8.54
N VAL A 412 -32.86 35.22 -9.32
CA VAL A 412 -33.31 36.08 -10.42
C VAL A 412 -33.87 37.38 -9.86
N CYS A 413 -34.56 37.32 -8.72
CA CYS A 413 -35.09 38.53 -8.10
C CYS A 413 -33.95 39.45 -7.68
N THR A 414 -32.97 38.91 -6.96
CA THR A 414 -31.89 39.73 -6.41
C THR A 414 -31.01 40.25 -7.54
N LEU A 415 -30.46 39.36 -8.36
CA LEU A 415 -29.55 39.78 -9.42
C LEU A 415 -30.21 39.62 -10.78
N ASN A 416 -30.50 40.76 -11.41
CA ASN A 416 -31.17 40.81 -12.70
C ASN A 416 -30.21 40.29 -13.77
N TRP A 417 -30.64 39.28 -14.51
CA TRP A 417 -29.85 38.78 -15.62
C TRP A 417 -30.79 38.38 -16.73
N ASP A 418 -30.22 38.00 -17.88
CA ASP A 418 -31.05 37.60 -19.01
C ASP A 418 -31.86 36.40 -18.57
N VAL A 419 -33.15 36.39 -18.89
CA VAL A 419 -34.02 35.30 -18.43
C VAL A 419 -33.57 33.96 -19.00
N GLY A 420 -33.13 33.95 -20.25
CA GLY A 420 -32.65 32.71 -20.83
C GLY A 420 -31.43 32.11 -20.14
N PHE A 421 -30.73 32.89 -19.32
CA PHE A 421 -29.47 32.44 -18.74
C PHE A 421 -29.66 31.74 -17.39
N VAL A 422 -30.55 32.20 -16.52
CA VAL A 422 -30.88 31.42 -15.34
C VAL A 422 -31.44 30.08 -15.80
N ILE A 423 -32.24 30.13 -16.86
CA ILE A 423 -32.79 28.90 -17.42
C ILE A 423 -31.63 28.05 -17.91
N GLN A 424 -30.59 28.68 -18.49
CA GLN A 424 -29.42 27.93 -18.93
C GLN A 424 -28.68 27.26 -17.76
N THR A 425 -28.45 27.97 -16.67
CA THR A 425 -27.79 27.32 -15.52
C THR A 425 -28.57 26.09 -15.07
N MET A 426 -29.87 26.26 -14.77
CA MET A 426 -30.64 25.12 -14.28
C MET A 426 -30.72 24.02 -15.34
N ASN A 427 -30.92 24.42 -16.59
CA ASN A 427 -31.04 23.50 -17.70
C ASN A 427 -29.78 22.65 -17.83
N GLU A 428 -28.61 23.30 -17.78
CA GLU A 428 -27.30 22.66 -17.90
C GLU A 428 -26.91 21.90 -16.65
N ILE A 429 -27.63 22.09 -15.53
CA ILE A 429 -27.38 21.20 -14.40
C ILE A 429 -28.11 19.86 -14.56
N GLY A 430 -28.90 19.71 -15.62
CA GLY A 430 -29.63 18.47 -15.83
C GLY A 430 -30.95 18.39 -15.10
N VAL A 431 -31.48 19.52 -14.65
CA VAL A 431 -32.67 19.49 -13.80
C VAL A 431 -33.85 18.89 -14.56
N PRO A 432 -34.68 18.06 -13.93
CA PRO A 432 -35.84 17.49 -14.62
C PRO A 432 -36.73 18.56 -15.26
N LEU A 433 -37.05 18.37 -16.53
CA LEU A 433 -37.88 19.32 -17.27
C LEU A 433 -39.37 19.13 -17.00
N PRO A 434 -39.87 17.90 -16.95
CA PRO A 434 -41.26 17.72 -16.46
C PRO A 434 -41.47 18.36 -15.12
N ARG A 435 -40.56 18.14 -14.17
CA ARG A 435 -40.75 18.78 -12.88
C ARG A 435 -40.54 20.27 -12.98
N LEU A 436 -39.80 20.74 -14.00
CA LEU A 436 -39.72 22.18 -14.23
C LEU A 436 -41.10 22.74 -14.53
N LEU A 437 -41.82 22.08 -15.42
CA LEU A 437 -43.17 22.55 -15.74
C LEU A 437 -44.07 22.45 -14.51
N GLU A 438 -43.99 21.32 -13.81
CA GLU A 438 -44.87 21.12 -12.66
C GLU A 438 -44.60 22.15 -11.56
N VAL A 439 -43.32 22.39 -11.27
CA VAL A 439 -42.96 23.36 -10.25
C VAL A 439 -43.34 24.76 -10.67
N TYR A 440 -43.06 25.13 -11.92
CA TYR A 440 -43.36 26.47 -12.38
C TYR A 440 -44.85 26.70 -12.60
N ASP A 441 -45.66 25.64 -12.49
CA ASP A 441 -47.11 25.82 -12.49
C ASP A 441 -47.66 25.89 -11.07
N GLN A 442 -47.15 25.05 -10.17
CA GLN A 442 -47.56 25.13 -8.76
C GLN A 442 -47.19 26.49 -8.18
N LEU A 443 -45.94 26.89 -8.36
CA LEU A 443 -45.42 28.13 -7.81
C LEU A 443 -46.12 29.36 -8.35
N PHE A 444 -46.59 29.33 -9.60
CA PHE A 444 -47.26 30.49 -10.15
C PHE A 444 -48.50 30.84 -9.35
N LYS A 445 -49.24 29.82 -8.89
CA LYS A 445 -50.42 30.07 -8.08
C LYS A 445 -50.07 30.83 -6.80
N SER A 446 -50.85 31.87 -6.51
CA SER A 446 -50.76 32.77 -5.34
C SER A 446 -49.66 33.84 -5.47
N ARG A 447 -48.97 33.94 -6.60
CA ARG A 447 -47.96 34.98 -6.84
C ARG A 447 -46.94 35.05 -5.71
N ASP A 448 -46.34 33.89 -5.40
CA ASP A 448 -45.35 33.78 -4.33
C ASP A 448 -44.25 34.83 -4.50
N PRO A 449 -43.69 35.35 -3.40
CA PRO A 449 -42.67 36.40 -3.50
C PRO A 449 -41.54 36.08 -4.47
N PHE A 450 -41.14 34.82 -4.54
CA PHE A 450 -40.04 34.44 -5.43
C PHE A 450 -40.39 34.65 -6.89
N TRP A 451 -41.64 34.42 -7.28
CA TRP A 451 -42.06 34.60 -8.66
C TRP A 451 -42.53 36.02 -8.97
N ASN A 452 -42.52 36.92 -8.00
CA ASN A 452 -42.94 38.29 -8.24
C ASN A 452 -41.99 39.02 -9.19
N ARG A 453 -42.45 40.20 -9.65
CA ARG A 453 -41.83 41.12 -10.58
C ARG A 453 -41.97 40.64 -12.02
N MET A 454 -42.39 39.39 -12.24
CA MET A 454 -42.74 38.83 -13.56
C MET A 454 -41.66 39.06 -14.62
N LYS A 455 -40.40 38.84 -14.23
CA LYS A 455 -39.28 39.02 -15.15
C LYS A 455 -39.32 38.03 -16.32
N LYS A 456 -39.67 36.77 -16.05
CA LYS A 456 -39.63 35.76 -17.11
C LYS A 456 -40.72 35.95 -18.14
N PRO A 457 -42.04 36.04 -17.79
CA PRO A 457 -43.07 36.10 -18.84
C PRO A 457 -42.80 37.14 -19.93
N LEU A 458 -41.87 38.07 -19.67
CA LEU A 458 -41.56 39.12 -20.63
C LEU A 458 -41.16 38.54 -21.97
N HIS A 459 -40.06 37.77 -22.00
CA HIS A 459 -39.62 37.08 -23.20
C HIS A 459 -39.25 35.63 -22.98
N LEU A 460 -39.28 35.13 -21.73
CA LEU A 460 -38.85 33.75 -21.51
C LEU A 460 -39.72 32.76 -22.25
N LEU A 461 -41.03 32.97 -22.25
CA LEU A 461 -41.91 31.99 -22.91
C LEU A 461 -41.54 31.85 -24.39
N ASP A 462 -41.37 32.98 -25.09
CA ASP A 462 -41.07 32.91 -26.52
C ASP A 462 -39.66 32.40 -26.76
N CYS A 463 -38.69 32.85 -25.95
CA CYS A 463 -37.32 32.40 -26.13
C CYS A 463 -37.22 30.89 -25.94
N ILE A 464 -37.85 30.37 -24.88
CA ILE A 464 -37.81 28.94 -24.65
C ILE A 464 -38.59 28.21 -25.73
N HIS A 465 -39.67 28.83 -26.24
CA HIS A 465 -40.44 28.21 -27.32
C HIS A 465 -39.54 27.95 -28.53
N VAL A 466 -38.94 28.99 -29.07
CA VAL A 466 -38.03 28.82 -30.21
C VAL A 466 -36.90 27.86 -29.83
N LEU A 467 -36.34 28.04 -28.62
CA LEU A 467 -35.19 27.25 -28.21
C LEU A 467 -35.54 25.79 -28.21
N LEU A 468 -36.70 25.45 -27.68
CA LEU A 468 -37.12 24.08 -27.65
C LEU A 468 -37.39 23.54 -29.05
N ILE A 469 -38.05 24.33 -29.90
CA ILE A 469 -38.42 23.79 -31.20
C ILE A 469 -37.17 23.38 -31.94
N ARG A 470 -36.16 24.20 -31.88
CA ARG A 470 -34.92 23.77 -32.46
C ARG A 470 -34.25 22.68 -31.64
N TYR A 471 -34.29 22.79 -30.31
CA TYR A 471 -33.56 21.87 -29.46
C TYR A 471 -34.22 21.58 -28.14
N VAL A 472 -33.92 20.38 -27.64
CA VAL A 472 -34.45 19.88 -26.38
C VAL A 472 -33.78 20.54 -25.18
N GLU A 473 -34.53 20.68 -24.09
CA GLU A 473 -33.92 21.03 -22.80
C GLU A 473 -33.10 22.28 -22.95
N ASN A 474 -33.73 23.29 -23.51
CA ASN A 474 -33.08 24.54 -23.69
C ASN A 474 -34.08 25.67 -23.57
#